data_4RZF
#
_entry.id   4RZF
#
_cell.length_a   74.542
_cell.length_b   76.183
_cell.length_c   128.095
_cell.angle_alpha   90.00
_cell.angle_beta   90.00
_cell.angle_gamma   90.00
#
_symmetry.space_group_name_H-M   'P 21 21 21'
#
loop_
_entity.id
_entity.type
_entity.pdbx_description
1 polymer 'Nuclear receptor subfamily 4 group A member 1'
2 non-polymer GLYCEROL
3 water water
#
_entity_poly.entity_id   1
_entity_poly.type   'polypeptide(L)'
_entity_poly.pdbx_seq_one_letter_code
;SKPKQPPDASPANLLTSLVRAHLDSGPSTAKLDYSKFQELVLPHFGKEDAGDVQQFYDLLSGSLEVIRKWAEKIPGFAEL
SPADQDLLLEWAFLELFILRLAYRSKPGEGKLIFCSGLVLHRLQCARGFGDWIDSILAFSRSLHSLLVDVPAFACLSALV
LITDRHGLQEPRRVEELQNRIASCLKEHVAAVAGEPQPASCLSRLLGKLPELRTLCTQGLQRIFYLKLEDLVPPPPIIDK
IFMDTLPFLEHHHHHH
;
_entity_poly.pdbx_strand_id   B,A
#
loop_
_chem_comp.id
_chem_comp.type
_chem_comp.name
_chem_comp.formula
GOL non-polymer GLYCEROL 'C3 H8 O3'
#
# COMPACT_ATOMS: atom_id res chain seq x y z
N PRO A 11 22.90 -29.05 22.63
CA PRO A 11 22.66 -30.48 22.43
C PRO A 11 21.45 -30.79 21.54
N ALA A 12 21.69 -30.67 20.24
CA ALA A 12 20.99 -31.40 19.13
C ALA A 12 21.25 -32.93 18.95
N ASN A 13 20.24 -33.76 18.73
CA ASN A 13 18.92 -33.64 19.26
C ASN A 13 18.02 -32.42 18.94
N LEU A 14 18.53 -31.23 19.11
CA LEU A 14 17.75 -30.04 18.78
C LEU A 14 17.45 -30.07 17.28
N LEU A 15 18.45 -30.39 16.49
CA LEU A 15 18.27 -30.47 15.05
C LEU A 15 17.19 -31.45 14.66
N THR A 16 17.22 -32.63 15.25
CA THR A 16 16.20 -33.64 14.98
C THR A 16 14.85 -33.17 15.39
N SER A 17 14.77 -32.53 16.54
CA SER A 17 13.48 -32.03 16.97
C SER A 17 12.95 -30.95 16.01
N LEU A 18 13.85 -30.12 15.54
CA LEU A 18 13.44 -29.04 14.57
C LEU A 18 12.96 -29.64 13.26
N VAL A 19 13.64 -30.68 12.80
CA VAL A 19 13.25 -31.34 11.55
C VAL A 19 11.91 -31.95 11.70
N ARG A 20 11.70 -32.63 12.81
CA ARG A 20 10.46 -33.26 13.06
C ARG A 20 9.32 -32.26 13.10
N ALA A 21 9.52 -31.15 13.81
CA ALA A 21 8.46 -30.16 13.88
C ALA A 21 8.12 -29.65 12.49
N HIS A 22 9.14 -29.40 11.68
CA HIS A 22 8.91 -28.95 10.32
C HIS A 22 8.12 -29.97 9.46
N LEU A 23 8.61 -31.19 9.41
CA LEU A 23 7.94 -32.23 8.62
C LEU A 23 6.53 -32.55 9.05
N ASP A 24 6.26 -32.49 10.34
CA ASP A 24 4.88 -32.73 10.81
C ASP A 24 3.96 -31.58 10.57
N SER A 25 4.49 -30.40 10.17
CA SER A 25 3.63 -29.21 10.02
C SER A 25 3.21 -28.95 8.60
N GLY A 26 3.39 -29.91 7.73
CA GLY A 26 3.12 -29.60 6.29
C GLY A 26 2.62 -30.84 5.64
N PRO A 27 2.04 -30.71 4.45
CA PRO A 27 1.33 -31.84 3.90
C PRO A 27 2.30 -32.89 3.43
N SER A 28 1.93 -34.13 3.62
CA SER A 28 2.57 -35.25 2.97
C SER A 28 2.39 -35.17 1.44
N THR A 29 3.41 -35.60 0.69
CA THR A 29 3.36 -35.63 -0.76
C THR A 29 2.14 -36.46 -1.13
N ALA A 30 1.89 -37.48 -0.36
CA ALA A 30 0.71 -38.28 -0.59
C ALA A 30 -0.58 -37.47 -0.43
N LYS A 31 -0.57 -36.46 0.40
CA LYS A 31 -1.80 -35.74 0.75
C LYS A 31 -2.10 -34.43 -0.06
N LEU A 32 -1.32 -34.21 -1.08
CA LEU A 32 -1.52 -33.06 -1.89
C LEU A 32 -2.89 -33.15 -2.53
N ASP A 33 -3.62 -32.02 -2.59
CA ASP A 33 -4.90 -31.96 -3.22
C ASP A 33 -4.82 -31.13 -4.49
N TYR A 34 -4.98 -31.82 -5.64
CA TYR A 34 -5.06 -31.14 -6.94
C TYR A 34 -6.42 -30.93 -7.50
N SER A 35 -7.45 -31.15 -6.71
CA SER A 35 -8.83 -31.08 -7.20
C SER A 35 -9.27 -29.70 -7.64
N LYS A 36 -8.60 -28.64 -7.20
CA LYS A 36 -8.99 -27.32 -7.61
C LYS A 36 -8.01 -26.73 -8.57
N PHE A 37 -6.89 -27.39 -8.77
CA PHE A 37 -5.81 -26.84 -9.57
C PHE A 37 -6.18 -26.66 -11.02
N GLN A 38 -5.95 -25.46 -11.54
CA GLN A 38 -6.15 -25.15 -12.99
C GLN A 38 -5.10 -24.17 -13.47
N GLU A 39 -4.39 -24.58 -14.48
CA GLU A 39 -3.38 -23.73 -15.14
C GLU A 39 -4.07 -22.60 -15.90
N LEU A 40 -5.28 -22.83 -16.38
CA LEU A 40 -5.95 -21.93 -17.25
C LEU A 40 -7.09 -21.30 -16.52
N VAL A 41 -7.26 -20.00 -16.71
CA VAL A 41 -8.25 -19.24 -15.99
C VAL A 41 -9.08 -18.42 -17.00
N LEU A 42 -10.39 -18.38 -16.82
CA LEU A 42 -11.27 -17.76 -17.83
C LEU A 42 -12.12 -16.60 -17.35
N PRO A 43 -11.71 -15.40 -17.71
CA PRO A 43 -10.41 -14.81 -18.03
C PRO A 43 -10.13 -13.63 -17.12
N HIS A 44 -8.86 -13.28 -17.04
CA HIS A 44 -8.23 -12.51 -15.93
C HIS A 44 -8.52 -11.02 -15.70
N PHE A 45 -8.26 -10.25 -16.72
CA PHE A 45 -8.64 -8.87 -16.72
C PHE A 45 -10.15 -8.90 -16.36
N GLY A 46 -10.58 -8.12 -15.39
CA GLY A 46 -9.75 -7.20 -14.62
C GLY A 46 -9.65 -7.50 -13.15
N LYS A 47 -10.40 -6.70 -12.39
CA LYS A 47 -10.20 -6.51 -10.93
C LYS A 47 -10.67 -7.63 -9.98
N GLU A 48 -10.06 -7.70 -8.81
CA GLU A 48 -10.41 -8.76 -7.88
C GLU A 48 -11.87 -8.64 -7.49
N ASP A 49 -12.49 -9.79 -7.26
CA ASP A 49 -13.85 -9.84 -6.80
C ASP A 49 -13.85 -10.54 -5.45
N ALA A 50 -15.04 -10.69 -4.89
CA ALA A 50 -15.20 -11.12 -3.52
C ALA A 50 -14.67 -12.55 -3.24
N GLY A 51 -14.83 -13.46 -4.19
CA GLY A 51 -14.29 -14.78 -4.05
C GLY A 51 -12.75 -14.81 -4.06
N ASP A 52 -12.11 -13.97 -4.86
CA ASP A 52 -10.64 -13.85 -4.81
C ASP A 52 -10.14 -13.37 -3.40
N VAL A 53 -10.81 -12.43 -2.83
CA VAL A 53 -10.43 -11.88 -1.56
C VAL A 53 -10.72 -12.86 -0.43
N GLN A 54 -11.84 -13.53 -0.47
CA GLN A 54 -12.14 -14.54 0.56
C GLN A 54 -11.08 -15.65 0.51
N GLN A 55 -10.68 -16.05 -0.69
CA GLN A 55 -9.70 -17.08 -0.82
C GLN A 55 -8.37 -16.60 -0.27
N PHE A 56 -8.00 -15.34 -0.57
CA PHE A 56 -6.75 -14.78 0.00
C PHE A 56 -6.72 -14.95 1.54
N TYR A 57 -7.77 -14.51 2.18
CA TYR A 57 -7.80 -14.60 3.63
C TYR A 57 -7.93 -16.01 4.12
N ASP A 58 -8.65 -16.85 3.40
CA ASP A 58 -8.77 -18.27 3.78
C ASP A 58 -7.40 -18.97 3.73
N LEU A 59 -6.60 -18.66 2.72
CA LEU A 59 -5.30 -19.32 2.59
C LEU A 59 -4.38 -18.84 3.68
N LEU A 60 -4.41 -17.54 3.98
CA LEU A 60 -3.64 -17.04 5.11
C LEU A 60 -4.08 -17.68 6.38
N SER A 61 -5.38 -17.70 6.60
CA SER A 61 -5.94 -18.20 7.89
C SER A 61 -5.62 -19.71 8.07
N GLY A 62 -5.45 -20.43 6.97
CA GLY A 62 -5.10 -21.86 7.02
C GLY A 62 -3.76 -22.09 7.67
N SER A 63 -2.83 -21.13 7.62
CA SER A 63 -1.51 -21.37 8.23
C SER A 63 -1.45 -21.03 9.71
N LEU A 64 -2.55 -20.50 10.29
CA LEU A 64 -2.49 -19.96 11.65
C LEU A 64 -2.23 -21.00 12.65
N GLU A 65 -3.15 -21.96 12.69
CA GLU A 65 -3.03 -23.06 13.62
C GLU A 65 -1.82 -23.90 13.36
N VAL A 66 -1.54 -24.11 12.09
CA VAL A 66 -0.43 -24.96 11.72
C VAL A 66 0.88 -24.35 12.25
N ILE A 67 1.07 -23.07 12.05
CA ILE A 67 2.30 -22.46 12.51
C ILE A 67 2.34 -22.44 14.01
N ARG A 68 1.24 -22.17 14.66
CA ARG A 68 1.25 -22.18 16.11
C ARG A 68 1.68 -23.57 16.63
N LYS A 69 1.11 -24.62 16.08
CA LYS A 69 1.45 -25.98 16.54
C LYS A 69 2.90 -26.34 16.24
N TRP A 70 3.44 -25.88 15.10
CA TRP A 70 4.84 -26.03 14.78
C TRP A 70 5.69 -25.38 15.79
N ALA A 71 5.38 -24.14 16.09
CA ALA A 71 6.19 -23.39 17.06
C ALA A 71 6.30 -24.12 18.43
N GLU A 72 5.16 -24.66 18.87
CA GLU A 72 5.06 -25.31 20.19
C GLU A 72 5.96 -26.56 20.24
N LYS A 73 6.37 -27.08 19.09
CA LYS A 73 7.27 -28.19 19.06
C LYS A 73 8.72 -27.79 18.94
N ILE A 74 8.99 -26.50 18.84
CA ILE A 74 10.40 -26.06 18.84
C ILE A 74 10.87 -26.09 20.27
N PRO A 75 11.92 -26.88 20.54
CA PRO A 75 12.31 -27.01 21.94
C PRO A 75 12.72 -25.69 22.51
N GLY A 76 12.17 -25.39 23.67
CA GLY A 76 12.41 -24.15 24.31
C GLY A 76 11.38 -23.10 24.00
N PHE A 77 10.67 -23.19 22.88
CA PHE A 77 9.71 -22.12 22.59
C PHE A 77 8.62 -22.06 23.65
N ALA A 78 8.13 -23.21 24.08
CA ALA A 78 7.05 -23.22 25.12
C ALA A 78 7.57 -22.88 26.52
N GLU A 79 8.86 -22.64 26.61
CA GLU A 79 9.48 -22.12 27.85
C GLU A 79 9.74 -20.61 27.87
N LEU A 80 9.40 -19.93 26.76
CA LEU A 80 9.34 -18.50 26.77
C LEU A 80 8.03 -18.08 27.43
N SER A 81 7.94 -16.84 27.85
CA SER A 81 6.67 -16.42 28.47
C SER A 81 5.53 -16.53 27.50
N PRO A 82 4.31 -16.81 28.00
CA PRO A 82 3.18 -16.87 27.10
C PRO A 82 2.98 -15.57 26.31
N ALA A 83 3.22 -14.43 26.91
CA ALA A 83 3.11 -13.18 26.13
C ALA A 83 4.20 -13.08 25.04
N ASP A 84 5.43 -13.54 25.34
CA ASP A 84 6.48 -13.48 24.39
C ASP A 84 6.20 -14.48 23.25
N GLN A 85 5.59 -15.61 23.57
CA GLN A 85 5.20 -16.60 22.56
C GLN A 85 4.21 -15.98 21.59
N ASP A 86 3.17 -15.39 22.12
CA ASP A 86 2.15 -14.77 21.28
C ASP A 86 2.73 -13.63 20.41
N LEU A 87 3.57 -12.81 21.01
CA LEU A 87 4.17 -11.70 20.27
C LEU A 87 5.01 -12.21 19.09
N LEU A 88 5.86 -13.18 19.35
CA LEU A 88 6.76 -13.76 18.35
C LEU A 88 6.00 -14.31 17.20
N LEU A 89 4.91 -14.97 17.51
CA LEU A 89 4.09 -15.62 16.50
C LEU A 89 3.35 -14.56 15.67
N GLU A 90 2.79 -13.55 16.30
CA GLU A 90 2.11 -12.51 15.52
C GLU A 90 3.06 -11.80 14.60
N TRP A 91 4.20 -11.38 15.13
CA TRP A 91 5.14 -10.59 14.32
C TRP A 91 5.81 -11.40 13.24
N ALA A 92 5.92 -12.74 13.40
CA ALA A 92 6.55 -13.55 12.39
C ALA A 92 5.57 -14.23 11.41
N PHE A 93 4.31 -14.12 11.65
CA PHE A 93 3.36 -14.90 10.96
C PHE A 93 3.49 -14.77 9.43
N LEU A 94 3.46 -13.56 8.92
CA LEU A 94 3.52 -13.38 7.47
C LEU A 94 4.80 -13.87 6.90
N GLU A 95 5.88 -13.56 7.55
CA GLU A 95 7.17 -14.07 7.15
C GLU A 95 7.23 -15.61 7.07
N LEU A 96 6.67 -16.25 8.07
CA LEU A 96 6.72 -17.74 8.09
C LEU A 96 5.81 -18.31 7.00
N PHE A 97 4.67 -17.70 6.83
CA PHE A 97 3.73 -18.10 5.76
C PHE A 97 4.43 -18.01 4.37
N ILE A 98 5.08 -16.90 4.12
CA ILE A 98 5.83 -16.67 2.90
C ILE A 98 6.99 -17.66 2.79
N LEU A 99 7.77 -17.81 3.81
CA LEU A 99 8.98 -18.64 3.69
C LEU A 99 8.59 -20.08 3.43
N ARG A 100 7.62 -20.53 4.18
CA ARG A 100 7.15 -21.92 4.10
C ARG A 100 6.46 -22.17 2.75
N LEU A 101 5.73 -21.19 2.27
CA LEU A 101 5.09 -21.31 0.98
C LEU A 101 6.13 -21.32 -0.12
N ALA A 102 7.14 -20.46 -0.04
CA ALA A 102 8.20 -20.39 -1.04
C ALA A 102 9.00 -21.73 -1.14
N TYR A 103 9.30 -22.32 0.00
CA TYR A 103 10.06 -23.58 0.06
C TYR A 103 9.27 -24.79 -0.44
N ARG A 104 7.97 -24.79 -0.13
CA ARG A 104 7.04 -25.85 -0.48
C ARG A 104 6.64 -25.81 -1.96
N SER A 105 6.64 -24.62 -2.56
CA SER A 105 6.09 -24.43 -3.88
C SER A 105 7.06 -24.78 -5.02
N LYS A 106 6.54 -24.75 -6.24
CA LYS A 106 7.36 -25.08 -7.44
C LYS A 106 7.23 -23.94 -8.41
N PRO A 107 8.11 -22.96 -8.26
CA PRO A 107 7.97 -21.76 -9.02
C PRO A 107 8.24 -21.97 -10.51
N GLY A 108 9.04 -23.00 -10.81
CA GLY A 108 9.32 -23.31 -12.22
C GLY A 108 8.03 -23.61 -12.94
N GLU A 109 7.02 -24.13 -12.23
CA GLU A 109 5.74 -24.46 -12.87
C GLU A 109 4.63 -23.48 -12.49
N GLY A 110 4.96 -22.43 -11.78
CA GLY A 110 3.90 -21.51 -11.32
C GLY A 110 2.97 -22.19 -10.28
N LYS A 111 3.43 -23.24 -9.58
CA LYS A 111 2.56 -23.98 -8.66
C LYS A 111 2.75 -23.57 -7.22
N LEU A 112 1.69 -23.15 -6.57
CA LEU A 112 1.70 -22.83 -5.14
C LEU A 112 1.16 -24.00 -4.37
N ILE A 113 1.91 -24.45 -3.41
CA ILE A 113 1.43 -25.54 -2.56
C ILE A 113 1.23 -24.99 -1.12
N PHE A 114 0.01 -24.95 -0.67
CA PHE A 114 -0.27 -24.45 0.70
C PHE A 114 -0.20 -25.49 1.80
N CYS A 115 -0.19 -25.05 3.07
CA CYS A 115 0.09 -26.01 4.16
C CYS A 115 -1.02 -27.01 4.32
N SER A 116 -2.21 -26.76 3.83
CA SER A 116 -3.29 -27.79 3.87
C SER A 116 -3.04 -28.89 2.86
N GLY A 117 -2.10 -28.69 1.94
CA GLY A 117 -1.94 -29.59 0.82
C GLY A 117 -2.60 -29.09 -0.45
N LEU A 118 -3.39 -28.03 -0.34
CA LEU A 118 -4.09 -27.50 -1.49
C LEU A 118 -3.03 -26.99 -2.50
N VAL A 119 -3.20 -27.35 -3.77
CA VAL A 119 -2.33 -26.86 -4.82
C VAL A 119 -3.08 -25.94 -5.79
N LEU A 120 -2.59 -24.74 -5.95
CA LEU A 120 -3.19 -23.74 -6.87
C LEU A 120 -2.10 -23.20 -7.80
N HIS A 121 -2.50 -22.86 -9.03
CA HIS A 121 -1.62 -22.19 -9.95
C HIS A 121 -1.57 -20.70 -9.62
N ARG A 122 -0.44 -20.09 -9.95
CA ARG A 122 -0.31 -18.66 -9.70
C ARG A 122 -1.42 -17.80 -10.27
N LEU A 123 -1.92 -18.17 -11.44
CA LEU A 123 -3.01 -17.44 -12.04
C LEU A 123 -4.27 -17.57 -11.25
N GLN A 124 -4.44 -18.63 -10.47
CA GLN A 124 -5.63 -18.73 -9.66
C GLN A 124 -5.51 -17.86 -8.39
N CYS A 125 -4.31 -17.45 -8.07
CA CYS A 125 -4.05 -16.63 -6.88
C CYS A 125 -3.84 -15.16 -7.17
N ALA A 126 -3.51 -14.82 -8.38
CA ALA A 126 -3.00 -13.51 -8.65
C ALA A 126 -3.97 -12.38 -8.34
N ARG A 127 -5.24 -12.62 -8.59
CA ARG A 127 -6.24 -11.61 -8.35
C ARG A 127 -6.36 -11.30 -6.88
N GLY A 128 -6.40 -12.33 -6.02
CA GLY A 128 -6.46 -12.12 -4.61
C GLY A 128 -5.18 -11.53 -3.98
N PHE A 129 -4.04 -12.09 -4.36
CA PHE A 129 -2.71 -11.70 -3.83
C PHE A 129 -2.11 -10.44 -4.39
N GLY A 130 -2.47 -10.07 -5.61
CA GLY A 130 -1.80 -9.03 -6.38
C GLY A 130 -0.40 -9.39 -6.74
N ASP A 131 0.43 -8.37 -6.96
CA ASP A 131 1.88 -8.50 -7.33
C ASP A 131 2.66 -9.25 -6.28
N TRP A 132 2.15 -9.28 -5.07
CA TRP A 132 2.87 -9.98 -4.00
C TRP A 132 3.14 -11.44 -4.36
N ILE A 133 2.22 -12.11 -5.03
CA ILE A 133 2.44 -13.52 -5.33
C ILE A 133 3.62 -13.73 -6.29
N ASP A 134 3.79 -12.80 -7.19
CA ASP A 134 4.95 -12.85 -8.08
C ASP A 134 6.21 -12.62 -7.28
N SER A 135 6.15 -11.71 -6.30
CA SER A 135 7.33 -11.48 -5.50
C SER A 135 7.65 -12.71 -4.70
N ILE A 136 6.63 -13.36 -4.17
CA ILE A 136 6.84 -14.55 -3.43
C ILE A 136 7.47 -15.63 -4.34
N LEU A 137 6.99 -15.75 -5.58
CA LEU A 137 7.52 -16.76 -6.49
C LEU A 137 8.94 -16.42 -6.90
N ALA A 138 9.28 -15.15 -7.03
CA ALA A 138 10.66 -14.79 -7.25
C ALA A 138 11.53 -15.23 -6.08
N PHE A 139 11.06 -15.01 -4.86
CA PHE A 139 11.81 -15.44 -3.67
C PHE A 139 11.92 -16.97 -3.62
N SER A 140 10.85 -17.65 -4.00
CA SER A 140 10.86 -19.09 -4.04
C SER A 140 11.91 -19.65 -5.05
N ARG A 141 12.02 -19.02 -6.18
CA ARG A 141 13.04 -19.45 -7.16
C ARG A 141 14.43 -19.20 -6.59
N SER A 142 14.61 -18.06 -5.95
CA SER A 142 15.88 -17.79 -5.35
C SER A 142 16.25 -18.79 -4.21
N LEU A 143 15.28 -19.08 -3.38
CA LEU A 143 15.48 -19.98 -2.25
C LEU A 143 15.80 -21.34 -2.87
N HIS A 144 15.04 -21.76 -3.86
CA HIS A 144 15.27 -23.10 -4.44
C HIS A 144 16.70 -23.20 -4.99
N SER A 145 17.22 -22.14 -5.57
CA SER A 145 18.54 -22.24 -6.18
C SER A 145 19.62 -22.45 -5.13
N LEU A 146 19.34 -22.05 -3.92
CA LEU A 146 20.26 -22.27 -2.80
C LEU A 146 20.33 -23.74 -2.41
N LEU A 147 19.36 -24.54 -2.82
CA LEU A 147 19.30 -25.92 -2.48
C LEU A 147 19.41 -26.07 -0.98
N VAL A 148 18.50 -25.44 -0.25
CA VAL A 148 18.50 -25.53 1.18
C VAL A 148 17.93 -26.89 1.58
N ASP A 149 18.67 -27.67 2.37
CA ASP A 149 18.22 -29.00 2.75
C ASP A 149 17.25 -28.88 3.91
N VAL A 150 16.56 -29.95 4.22
CA VAL A 150 15.47 -29.88 5.20
C VAL A 150 15.95 -29.46 6.56
N PRO A 151 17.09 -30.00 7.00
CA PRO A 151 17.55 -29.60 8.31
C PRO A 151 17.93 -28.13 8.37
N ALA A 152 18.59 -27.62 7.34
CA ALA A 152 18.89 -26.21 7.32
C ALA A 152 17.62 -25.37 7.32
N PHE A 153 16.63 -25.78 6.56
CA PHE A 153 15.36 -25.05 6.51
C PHE A 153 14.61 -25.08 7.82
N ALA A 154 14.66 -26.22 8.48
CA ALA A 154 14.02 -26.38 9.79
C ALA A 154 14.62 -25.41 10.75
N CYS A 155 15.92 -25.17 10.67
CA CYS A 155 16.56 -24.16 11.51
C CYS A 155 16.20 -22.72 11.06
N LEU A 156 16.30 -22.45 9.77
CA LEU A 156 16.04 -21.10 9.27
C LEU A 156 14.69 -20.59 9.66
N SER A 157 13.67 -21.41 9.42
CA SER A 157 12.30 -21.05 9.77
C SER A 157 12.16 -20.75 11.24
N ALA A 158 12.82 -21.55 12.09
CA ALA A 158 12.74 -21.30 13.49
C ALA A 158 13.38 -19.96 13.87
N LEU A 159 14.45 -19.60 13.15
CA LEU A 159 15.13 -18.35 13.39
C LEU A 159 14.28 -17.17 12.99
N VAL A 160 13.40 -17.37 12.01
CA VAL A 160 12.47 -16.32 11.64
C VAL A 160 11.53 -16.01 12.77
N LEU A 161 11.09 -17.03 13.48
CA LEU A 161 10.16 -16.85 14.57
C LEU A 161 10.89 -16.31 15.85
N ILE A 162 12.04 -16.85 16.15
CA ILE A 162 12.70 -16.63 17.44
C ILE A 162 13.75 -15.56 17.21
N THR A 163 13.32 -14.34 17.38
CA THR A 163 14.11 -13.22 16.96
C THR A 163 13.72 -12.01 17.78
N ASP A 164 14.59 -11.03 17.84
CA ASP A 164 14.22 -9.82 18.62
C ASP A 164 13.02 -9.11 18.06
N ARG A 165 12.10 -8.71 18.94
CA ARG A 165 10.94 -7.90 18.62
C ARG A 165 10.81 -6.88 19.69
N HIS A 166 10.22 -5.76 19.32
CA HIS A 166 9.96 -4.71 20.30
C HIS A 166 8.89 -5.16 21.29
N GLY A 167 9.13 -4.96 22.58
CA GLY A 167 8.13 -5.31 23.57
C GLY A 167 8.21 -6.73 24.13
N LEU A 168 9.24 -7.48 23.80
CA LEU A 168 9.44 -8.79 24.49
C LEU A 168 9.68 -8.56 26.01
N GLN A 169 9.13 -9.45 26.82
CA GLN A 169 9.37 -9.46 28.27
C GLN A 169 10.70 -9.96 28.58
N GLU A 170 11.17 -11.00 27.88
CA GLU A 170 12.43 -11.59 28.20
C GLU A 170 13.33 -11.67 26.99
N PRO A 171 13.75 -10.51 26.49
CA PRO A 171 14.52 -10.50 25.25
C PRO A 171 15.81 -11.28 25.27
N ARG A 172 16.50 -11.33 26.38
CA ARG A 172 17.69 -12.16 26.45
C ARG A 172 17.39 -13.63 26.34
N ARG A 173 16.28 -14.10 26.88
CA ARG A 173 15.94 -15.54 26.74
C ARG A 173 15.57 -15.86 25.26
N VAL A 174 14.94 -14.91 24.57
CA VAL A 174 14.74 -15.08 23.14
C VAL A 174 16.02 -15.17 22.45
N GLU A 175 16.92 -14.27 22.81
CA GLU A 175 18.24 -14.30 22.25
C GLU A 175 18.98 -15.56 22.55
N GLU A 176 18.86 -16.12 23.75
CA GLU A 176 19.56 -17.41 24.00
C GLU A 176 19.05 -18.52 23.13
N LEU A 177 17.77 -18.61 22.96
CA LEU A 177 17.20 -19.69 22.17
C LEU A 177 17.56 -19.51 20.71
N GLN A 178 17.57 -18.27 20.25
CA GLN A 178 17.96 -17.99 18.85
C GLN A 178 19.41 -18.44 18.64
N ASN A 179 20.25 -18.13 19.62
CA ASN A 179 21.66 -18.55 19.67
C ASN A 179 21.83 -19.98 19.49
N ARG A 180 21.05 -20.69 20.25
CA ARG A 180 21.10 -22.14 20.21
C ARG A 180 20.75 -22.59 18.84
N ILE A 181 19.72 -21.99 18.24
CA ILE A 181 19.31 -22.49 16.97
C ILE A 181 20.29 -22.16 15.87
N ALA A 182 20.81 -20.94 15.92
CA ALA A 182 21.84 -20.49 14.95
C ALA A 182 23.05 -21.40 15.04
N SER A 183 23.44 -21.78 16.26
CA SER A 183 24.64 -22.67 16.39
C SER A 183 24.39 -23.99 15.77
N CYS A 184 23.21 -24.51 16.05
CA CYS A 184 22.79 -25.75 15.47
C CYS A 184 22.88 -25.69 13.94
N LEU A 185 22.41 -24.58 13.36
CA LEU A 185 22.43 -24.42 11.93
C LEU A 185 23.86 -24.32 11.39
N LYS A 186 24.68 -23.49 12.00
CA LYS A 186 26.05 -23.31 11.56
C LYS A 186 26.80 -24.67 11.52
N GLU A 187 26.62 -25.46 12.54
CA GLU A 187 27.28 -26.73 12.68
C GLU A 187 26.76 -27.66 11.60
N HIS A 188 25.44 -27.67 11.39
CA HIS A 188 24.87 -28.49 10.37
C HIS A 188 25.46 -28.15 9.03
N VAL A 189 25.58 -26.88 8.74
CA VAL A 189 26.08 -26.48 7.45
C VAL A 189 27.56 -26.83 7.30
N ALA A 190 28.33 -26.77 8.39
CA ALA A 190 29.74 -27.16 8.30
C ALA A 190 29.80 -28.65 7.98
N ALA A 191 28.98 -29.42 8.69
CA ALA A 191 28.97 -30.89 8.61
C ALA A 191 28.66 -31.37 7.21
N VAL A 192 27.98 -30.54 6.42
CA VAL A 192 27.61 -30.94 5.09
C VAL A 192 28.07 -29.95 4.04
N ALA A 199 30.12 -21.10 5.58
CA ALA A 199 30.24 -19.69 5.94
C ALA A 199 29.82 -18.78 4.80
N SER A 200 30.28 -19.10 3.59
CA SER A 200 29.78 -18.46 2.39
C SER A 200 28.35 -18.94 2.23
N CYS A 201 28.14 -20.24 2.42
CA CYS A 201 26.79 -20.79 2.32
C CYS A 201 25.94 -20.29 3.46
N LEU A 202 26.52 -20.22 4.65
CA LEU A 202 25.76 -19.79 5.80
C LEU A 202 25.28 -18.35 5.62
N SER A 203 26.20 -17.47 5.29
CA SER A 203 25.84 -16.08 5.15
C SER A 203 24.82 -15.97 4.02
N ARG A 204 24.94 -16.82 3.01
CA ARG A 204 23.99 -16.82 1.94
C ARG A 204 22.59 -17.24 2.38
N LEU A 205 22.51 -18.28 3.19
CA LEU A 205 21.21 -18.68 3.71
C LEU A 205 20.62 -17.56 4.55
N LEU A 206 21.45 -17.03 5.44
CA LEU A 206 21.01 -16.02 6.34
C LEU A 206 20.61 -14.73 5.64
N GLY A 207 21.18 -14.45 4.48
CA GLY A 207 20.83 -13.28 3.68
C GLY A 207 19.40 -13.38 3.14
N LYS A 208 18.79 -14.55 3.24
CA LYS A 208 17.39 -14.63 2.86
C LYS A 208 16.46 -13.94 3.90
N LEU A 209 16.89 -13.77 5.13
CA LEU A 209 16.00 -13.22 6.17
C LEU A 209 15.59 -11.73 5.93
N PRO A 210 16.51 -10.88 5.55
CA PRO A 210 16.09 -9.50 5.20
C PRO A 210 15.18 -9.44 4.00
N GLU A 211 15.38 -10.30 3.04
CA GLU A 211 14.53 -10.32 1.87
C GLU A 211 13.15 -10.70 2.34
N LEU A 212 13.08 -11.62 3.26
CA LEU A 212 11.82 -12.07 3.78
C LEU A 212 11.06 -10.94 4.50
N ARG A 213 11.79 -10.07 5.21
CA ARG A 213 11.12 -8.95 5.91
C ARG A 213 10.53 -7.99 4.85
N THR A 214 11.25 -7.76 3.76
CA THR A 214 10.70 -6.96 2.67
C THR A 214 9.48 -7.55 2.12
N LEU A 215 9.45 -8.87 1.95
CA LEU A 215 8.21 -9.49 1.49
C LEU A 215 7.03 -9.44 2.49
N CYS A 216 7.29 -9.51 3.76
CA CYS A 216 6.29 -9.34 4.75
C CYS A 216 5.65 -7.98 4.57
N THR A 217 6.48 -6.96 4.36
CA THR A 217 5.98 -5.59 4.10
C THR A 217 5.05 -5.53 2.94
N GLN A 218 5.39 -6.19 1.86
CA GLN A 218 4.49 -6.22 0.70
C GLN A 218 3.16 -6.89 0.99
N GLY A 219 3.19 -7.81 1.92
CA GLY A 219 1.97 -8.47 2.44
C GLY A 219 1.10 -7.53 3.21
N LEU A 220 1.72 -6.76 4.06
CA LEU A 220 0.96 -5.77 4.84
C LEU A 220 0.36 -4.72 3.86
N GLN A 221 1.12 -4.40 2.82
CA GLN A 221 0.57 -3.48 1.81
C GLN A 221 -0.65 -4.06 1.15
N ARG A 222 -0.60 -5.34 0.83
CA ARG A 222 -1.77 -5.98 0.20
C ARG A 222 -2.95 -5.97 1.07
N ILE A 223 -2.76 -6.27 2.35
CA ILE A 223 -3.91 -6.31 3.24
C ILE A 223 -4.45 -4.91 3.41
N PHE A 224 -3.56 -3.91 3.49
CA PHE A 224 -4.03 -2.54 3.63
C PHE A 224 -4.94 -2.17 2.44
N TYR A 225 -4.51 -2.53 1.23
CA TYR A 225 -5.29 -2.25 0.05
C TYR A 225 -6.65 -2.94 0.08
N LEU A 226 -6.63 -4.21 0.45
CA LEU A 226 -7.85 -4.93 0.53
C LEU A 226 -8.77 -4.36 1.59
N LYS A 227 -8.22 -3.95 2.71
CA LYS A 227 -9.08 -3.38 3.73
C LYS A 227 -9.69 -2.05 3.20
N LEU A 228 -8.92 -1.29 2.44
CA LEU A 228 -9.43 -0.09 1.82
C LEU A 228 -10.53 -0.43 0.89
N GLU A 229 -10.29 -1.41 0.05
CA GLU A 229 -11.27 -1.75 -0.94
C GLU A 229 -12.53 -2.28 -0.25
N ASP A 230 -12.36 -3.06 0.81
CA ASP A 230 -13.44 -3.63 1.59
C ASP A 230 -14.51 -4.50 0.86
N LEU A 231 -14.12 -5.33 -0.09
CA LEU A 231 -15.07 -6.30 -0.68
C LEU A 231 -15.43 -7.39 0.35
N VAL A 232 -14.42 -7.85 1.09
CA VAL A 232 -14.61 -8.78 2.17
C VAL A 232 -13.59 -8.38 3.21
N PRO A 233 -14.02 -8.30 4.44
CA PRO A 233 -13.14 -7.78 5.45
C PRO A 233 -12.23 -8.91 5.85
N PRO A 234 -11.07 -8.57 6.38
CA PRO A 234 -10.25 -9.60 6.93
C PRO A 234 -10.88 -10.26 8.14
N PRO A 235 -10.63 -11.56 8.34
CA PRO A 235 -11.07 -12.20 9.56
C PRO A 235 -10.33 -11.67 10.78
N PRO A 236 -10.97 -11.75 11.95
CA PRO A 236 -10.49 -11.02 13.10
C PRO A 236 -9.05 -11.34 13.45
N ILE A 237 -8.64 -12.60 13.34
CA ILE A 237 -7.29 -12.92 13.75
C ILE A 237 -6.26 -12.25 12.79
N ILE A 238 -6.54 -12.30 11.52
CA ILE A 238 -5.64 -11.66 10.51
C ILE A 238 -5.67 -10.15 10.69
N ASP A 239 -6.84 -9.60 10.92
CA ASP A 239 -6.93 -8.16 11.21
C ASP A 239 -6.14 -7.76 12.42
N LYS A 240 -6.12 -8.61 13.43
CA LYS A 240 -5.35 -8.33 14.61
C LYS A 240 -3.86 -8.36 14.37
N ILE A 241 -3.41 -9.34 13.62
CA ILE A 241 -1.98 -9.41 13.31
C ILE A 241 -1.63 -8.16 12.51
N PHE A 242 -2.49 -7.81 11.57
CA PHE A 242 -2.18 -6.62 10.78
C PHE A 242 -2.06 -5.39 11.68
N MET A 243 -3.07 -5.13 12.51
CA MET A 243 -3.01 -3.92 13.32
C MET A 243 -1.91 -3.96 14.32
N ASP A 244 -1.68 -5.14 14.93
CA ASP A 244 -0.65 -5.20 15.97
C ASP A 244 0.72 -5.03 15.44
N THR A 245 0.95 -5.37 14.16
CA THR A 245 2.28 -5.32 13.65
C THR A 245 2.58 -4.04 12.85
N LEU A 246 1.74 -3.05 12.96
CA LEU A 246 2.15 -1.76 12.38
C LEU A 246 2.95 -0.94 13.42
N PRO A 247 4.25 -0.77 13.20
CA PRO A 247 5.10 -0.15 14.21
C PRO A 247 4.80 1.32 14.45
N PHE A 248 3.63 1.78 13.97
CA PHE A 248 3.09 3.12 14.09
C PHE A 248 1.57 3.07 14.31
N ALA B 12 -22.23 36.83 -14.14
CA ALA B 12 -21.98 35.53 -13.46
C ALA B 12 -21.07 35.79 -12.23
N ASN B 13 -21.67 36.29 -11.14
CA ASN B 13 -20.79 36.67 -10.03
C ASN B 13 -20.17 35.51 -9.19
N LEU B 14 -20.93 34.45 -8.95
CA LEU B 14 -20.31 33.24 -8.32
C LEU B 14 -19.20 32.68 -9.28
N LEU B 15 -19.47 32.65 -10.56
CA LEU B 15 -18.50 32.12 -11.50
C LEU B 15 -17.21 32.89 -11.44
N THR B 16 -17.34 34.22 -11.40
CA THR B 16 -16.19 35.05 -11.37
C THR B 16 -15.39 34.82 -10.13
N SER B 17 -16.08 34.66 -9.01
CA SER B 17 -15.37 34.45 -7.78
C SER B 17 -14.63 33.10 -7.77
N LEU B 18 -15.27 32.10 -8.31
CA LEU B 18 -14.67 30.77 -8.42
C LEU B 18 -13.46 30.79 -9.30
N VAL B 19 -13.54 31.50 -10.41
CA VAL B 19 -12.41 31.59 -11.33
C VAL B 19 -11.29 32.28 -10.66
N ARG B 20 -11.60 33.38 -9.97
CA ARG B 20 -10.58 34.12 -9.30
C ARG B 20 -9.91 33.27 -8.23
N ALA B 21 -10.71 32.56 -7.46
CA ALA B 21 -10.12 31.70 -6.42
C ALA B 21 -9.19 30.65 -7.04
N HIS B 22 -9.61 30.05 -8.11
CA HIS B 22 -8.76 29.09 -8.81
C HIS B 22 -7.42 29.69 -9.30
N LEU B 23 -7.50 30.76 -10.08
CA LEU B 23 -6.28 31.36 -10.61
C LEU B 23 -5.33 31.87 -9.58
N ASP B 24 -5.83 32.36 -8.47
CA ASP B 24 -4.95 32.85 -7.42
C ASP B 24 -4.36 31.72 -6.60
N SER B 25 -4.78 30.47 -6.81
CA SER B 25 -4.28 29.36 -5.97
C SER B 25 -3.20 28.58 -6.68
N GLY B 26 -2.69 29.13 -7.77
CA GLY B 26 -1.78 28.40 -8.63
C GLY B 26 -0.79 29.37 -9.23
N PRO B 27 0.30 28.86 -9.77
CA PRO B 27 1.30 29.77 -10.37
C PRO B 27 0.91 30.19 -11.78
N SER B 28 1.20 31.41 -12.13
CA SER B 28 1.18 31.84 -13.54
C SER B 28 2.40 31.28 -14.25
N THR B 29 2.41 31.37 -15.57
CA THR B 29 3.65 31.07 -16.25
C THR B 29 4.76 31.99 -15.81
N ALA B 30 4.41 33.18 -15.38
CA ALA B 30 5.44 34.08 -14.95
C ALA B 30 6.24 33.46 -13.84
N LYS B 31 5.54 32.92 -12.87
CA LYS B 31 6.15 32.58 -11.62
C LYS B 31 6.51 31.08 -11.50
N LEU B 32 6.63 30.38 -12.65
CA LEU B 32 7.10 28.96 -12.67
C LEU B 32 8.54 28.86 -12.27
N ASP B 33 8.81 28.05 -11.24
CA ASP B 33 10.14 27.95 -10.63
C ASP B 33 10.86 26.72 -11.16
N TYR B 34 11.83 26.94 -12.04
CA TYR B 34 12.70 25.93 -12.62
C TYR B 34 13.96 25.74 -11.84
N SER B 35 14.04 26.25 -10.62
CA SER B 35 15.31 26.22 -9.86
C SER B 35 15.75 24.82 -9.38
N LYS B 36 14.85 23.84 -9.30
CA LYS B 36 15.29 22.50 -8.95
C LYS B 36 15.10 21.52 -10.11
N PHE B 37 14.52 21.98 -11.20
CA PHE B 37 14.20 21.12 -12.32
C PHE B 37 15.43 20.55 -12.96
N GLN B 38 15.41 19.24 -13.21
CA GLN B 38 16.43 18.62 -14.00
C GLN B 38 15.85 17.71 -15.03
N GLU B 39 16.32 17.90 -16.26
CA GLU B 39 15.77 17.22 -17.42
C GLU B 39 16.08 15.74 -17.41
N LEU B 40 17.17 15.35 -16.79
CA LEU B 40 17.47 13.98 -16.65
C LEU B 40 18.15 13.78 -15.32
N VAL B 41 17.57 12.94 -14.49
CA VAL B 41 18.27 12.43 -13.31
C VAL B 41 18.29 10.88 -13.41
N LEU B 42 19.19 10.22 -12.69
CA LEU B 42 19.31 8.79 -12.83
C LEU B 42 18.97 8.19 -11.48
N PRO B 43 17.69 7.93 -11.23
CA PRO B 43 17.39 7.46 -9.87
C PRO B 43 17.58 5.95 -9.69
N HIS B 44 17.81 5.54 -8.46
CA HIS B 44 17.65 4.14 -8.15
C HIS B 44 16.13 3.87 -7.92
N PHE B 45 15.45 3.33 -8.92
CA PHE B 45 13.99 3.11 -8.80
C PHE B 45 13.63 2.12 -7.68
N GLY B 46 12.47 2.31 -7.04
CA GLY B 46 11.97 1.30 -6.08
C GLY B 46 12.51 1.50 -4.66
N LYS B 47 13.22 2.59 -4.44
CA LYS B 47 13.72 2.94 -3.17
C LYS B 47 13.71 4.46 -3.05
N GLU B 48 13.96 4.90 -1.83
CA GLU B 48 13.92 6.34 -1.52
C GLU B 48 14.79 6.60 -0.31
N ASP B 49 15.20 7.83 -0.17
CA ASP B 49 15.91 8.26 0.99
C ASP B 49 15.15 9.41 1.69
N ALA B 50 15.71 9.87 2.78
CA ALA B 50 14.99 10.77 3.65
C ALA B 50 14.61 12.06 2.94
N GLY B 51 15.46 12.54 2.08
CA GLY B 51 15.19 13.79 1.38
C GLY B 51 14.09 13.58 0.33
N ASP B 52 14.02 12.45 -0.32
CA ASP B 52 12.91 12.17 -1.22
C ASP B 52 11.60 12.19 -0.43
N VAL B 53 11.58 11.55 0.73
CA VAL B 53 10.35 11.41 1.53
C VAL B 53 9.92 12.75 2.11
N GLN B 54 10.88 13.53 2.56
CA GLN B 54 10.53 14.83 3.15
C GLN B 54 9.92 15.73 2.06
N GLN B 55 10.52 15.68 0.86
CA GLN B 55 10.01 16.49 -0.24
C GLN B 55 8.60 16.06 -0.63
N PHE B 56 8.34 14.75 -0.69
CA PHE B 56 7.02 14.23 -0.86
C PHE B 56 6.06 14.86 0.09
N TYR B 57 6.36 14.80 1.37
CA TYR B 57 5.50 15.41 2.33
C TYR B 57 5.39 16.92 2.29
N ASP B 58 6.47 17.61 2.00
CA ASP B 58 6.48 19.02 1.84
C ASP B 58 5.57 19.46 0.71
N LEU B 59 5.58 18.72 -0.37
CA LEU B 59 4.71 19.03 -1.50
C LEU B 59 3.25 18.78 -1.12
N LEU B 60 2.95 17.70 -0.43
CA LEU B 60 1.60 17.52 0.04
C LEU B 60 1.19 18.62 1.02
N SER B 61 2.08 18.95 1.95
CA SER B 61 1.77 20.00 2.93
C SER B 61 1.51 21.34 2.25
N GLY B 62 2.38 21.70 1.35
CA GLY B 62 2.23 22.97 0.63
C GLY B 62 0.94 23.06 -0.17
N SER B 63 0.52 21.96 -0.77
CA SER B 63 -0.74 21.92 -1.46
C SER B 63 -1.95 22.07 -0.56
N LEU B 64 -1.91 21.42 0.59
CA LEU B 64 -3.04 21.54 1.53
C LEU B 64 -3.22 23.00 1.97
N GLU B 65 -2.13 23.70 2.21
CA GLU B 65 -2.23 25.12 2.61
C GLU B 65 -2.82 26.01 1.53
N VAL B 66 -2.42 25.80 0.30
CA VAL B 66 -2.97 26.44 -0.80
C VAL B 66 -4.45 26.11 -1.04
N ILE B 67 -4.79 24.86 -0.90
CA ILE B 67 -6.15 24.46 -1.07
C ILE B 67 -7.01 25.07 0.02
N ARG B 68 -6.53 25.14 1.22
CA ARG B 68 -7.32 25.71 2.33
C ARG B 68 -7.57 27.19 2.03
N LYS B 69 -6.56 27.91 1.54
CA LYS B 69 -6.79 29.29 1.12
C LYS B 69 -7.74 29.48 -0.07
N TRP B 70 -7.65 28.57 -1.02
CA TRP B 70 -8.57 28.53 -2.15
C TRP B 70 -10.00 28.33 -1.64
N ALA B 71 -10.17 27.35 -0.77
CA ALA B 71 -11.49 27.01 -0.29
C ALA B 71 -12.15 28.22 0.40
N GLU B 72 -11.35 28.96 1.16
CA GLU B 72 -11.81 30.13 1.95
C GLU B 72 -12.32 31.22 1.01
N LYS B 73 -12.03 31.15 -0.26
CA LYS B 73 -12.50 32.07 -1.25
C LYS B 73 -13.72 31.63 -1.97
N ILE B 74 -14.18 30.41 -1.73
CA ILE B 74 -15.39 29.95 -2.40
C ILE B 74 -16.56 30.53 -1.62
N PRO B 75 -17.37 31.34 -2.26
CA PRO B 75 -18.35 32.10 -1.46
C PRO B 75 -19.29 31.14 -0.77
N GLY B 76 -19.46 31.34 0.53
CA GLY B 76 -20.25 30.50 1.37
C GLY B 76 -19.47 29.49 2.16
N PHE B 77 -18.28 29.12 1.67
CA PHE B 77 -17.51 28.12 2.41
C PHE B 77 -17.04 28.54 3.79
N ALA B 78 -16.54 29.78 3.90
CA ALA B 78 -16.00 30.23 5.16
C ALA B 78 -17.04 30.44 6.21
N GLU B 79 -18.31 30.43 5.86
CA GLU B 79 -19.36 30.49 6.83
C GLU B 79 -19.94 29.19 7.28
N LEU B 80 -19.50 28.08 6.68
CA LEU B 80 -19.85 26.76 7.21
C LEU B 80 -19.18 26.59 8.56
N SER B 81 -19.62 25.63 9.34
CA SER B 81 -19.00 25.44 10.66
C SER B 81 -17.55 25.07 10.51
N PRO B 82 -16.74 25.40 11.52
CA PRO B 82 -15.35 25.10 11.38
C PRO B 82 -15.14 23.62 11.27
N ALA B 83 -15.93 22.85 11.99
CA ALA B 83 -15.78 21.44 11.84
C ALA B 83 -16.09 21.01 10.40
N ASP B 84 -17.15 21.56 9.82
CA ASP B 84 -17.58 21.11 8.48
C ASP B 84 -16.54 21.53 7.45
N GLN B 85 -15.96 22.71 7.62
CA GLN B 85 -14.90 23.13 6.74
C GLN B 85 -13.72 22.14 6.77
N ASP B 86 -13.30 21.76 7.97
CA ASP B 86 -12.23 20.84 8.14
C ASP B 86 -12.53 19.43 7.57
N LEU B 87 -13.75 18.96 7.79
CA LEU B 87 -14.13 17.70 7.28
C LEU B 87 -14.11 17.65 5.77
N LEU B 88 -14.66 18.68 5.14
CA LEU B 88 -14.71 18.73 3.66
C LEU B 88 -13.32 18.75 3.10
N LEU B 89 -12.47 19.53 3.71
CA LEU B 89 -11.13 19.70 3.22
C LEU B 89 -10.34 18.41 3.36
N GLU B 90 -10.46 17.74 4.49
CA GLU B 90 -9.72 16.50 4.63
C GLU B 90 -10.16 15.40 3.69
N TRP B 91 -11.48 15.24 3.49
CA TRP B 91 -11.96 14.18 2.66
C TRP B 91 -11.72 14.49 1.17
N ALA B 92 -11.58 15.75 0.79
CA ALA B 92 -11.31 16.12 -0.58
C ALA B 92 -9.82 16.36 -0.90
N PHE B 93 -8.96 16.38 0.10
CA PHE B 93 -7.64 16.85 -0.11
C PHE B 93 -6.86 16.09 -1.21
N LEU B 94 -6.72 14.80 -1.07
CA LEU B 94 -5.92 14.06 -2.01
C LEU B 94 -6.49 14.12 -3.40
N GLU B 95 -7.81 14.02 -3.51
CA GLU B 95 -8.47 14.23 -4.83
C GLU B 95 -8.21 15.56 -5.47
N LEU B 96 -8.21 16.59 -4.68
CA LEU B 96 -7.92 17.92 -5.21
C LEU B 96 -6.43 18.08 -5.55
N PHE B 97 -5.60 17.52 -4.73
CA PHE B 97 -4.15 17.60 -5.01
C PHE B 97 -3.86 16.94 -6.39
N ILE B 98 -4.44 15.78 -6.59
CA ILE B 98 -4.28 15.06 -7.83
C ILE B 98 -4.91 15.81 -9.00
N LEU B 99 -6.15 16.21 -8.85
CA LEU B 99 -6.87 16.84 -9.96
C LEU B 99 -6.20 18.13 -10.40
N ARG B 100 -5.89 19.02 -9.45
CA ARG B 100 -5.16 20.23 -9.73
C ARG B 100 -3.77 19.99 -10.31
N LEU B 101 -3.02 19.02 -9.79
CA LEU B 101 -1.71 18.74 -10.30
C LEU B 101 -1.78 18.22 -11.74
N ALA B 102 -2.73 17.35 -12.01
CA ALA B 102 -2.94 16.86 -13.32
C ALA B 102 -3.35 17.95 -14.28
N TYR B 103 -4.23 18.85 -13.86
CA TYR B 103 -4.71 19.91 -14.75
C TYR B 103 -3.57 20.85 -15.10
N ARG B 104 -2.69 21.11 -14.17
CA ARG B 104 -1.62 22.02 -14.49
C ARG B 104 -0.33 21.48 -15.07
N SER B 105 -0.11 20.17 -14.99
CA SER B 105 1.14 19.59 -15.39
C SER B 105 1.24 19.48 -16.94
N LYS B 106 2.42 19.08 -17.42
CA LYS B 106 2.65 18.98 -18.89
C LYS B 106 3.22 17.62 -19.21
N PRO B 107 2.33 16.67 -19.35
CA PRO B 107 2.73 15.30 -19.45
C PRO B 107 3.48 14.99 -20.74
N GLY B 108 3.23 15.81 -21.75
CA GLY B 108 3.96 15.72 -22.99
C GLY B 108 5.48 16.02 -22.81
N GLU B 109 5.85 16.62 -21.69
CA GLU B 109 7.26 16.88 -21.38
C GLU B 109 7.77 16.14 -20.14
N GLY B 110 6.94 15.32 -19.60
CA GLY B 110 7.23 14.71 -18.30
C GLY B 110 7.32 15.66 -17.14
N LYS B 111 6.67 16.81 -17.24
CA LYS B 111 6.80 17.83 -16.23
C LYS B 111 5.62 17.90 -15.26
N LEU B 112 5.93 17.77 -13.98
CA LEU B 112 4.92 17.99 -12.90
C LEU B 112 5.07 19.43 -12.45
N ILE B 113 3.96 20.14 -12.41
CA ILE B 113 4.01 21.53 -11.94
C ILE B 113 3.14 21.66 -10.70
N PHE B 114 3.77 21.93 -9.58
CA PHE B 114 3.08 21.99 -8.30
C PHE B 114 2.52 23.38 -8.02
N CYS B 115 1.70 23.50 -6.96
CA CYS B 115 1.02 24.77 -6.76
C CYS B 115 1.89 25.97 -6.44
N SER B 116 3.07 25.75 -5.87
CA SER B 116 4.04 26.82 -5.64
C SER B 116 4.74 27.31 -6.89
N GLY B 117 4.53 26.63 -8.03
CA GLY B 117 5.27 26.96 -9.25
C GLY B 117 6.47 26.05 -9.48
N LEU B 118 6.81 25.25 -8.50
CA LEU B 118 7.92 24.37 -8.62
C LEU B 118 7.65 23.35 -9.75
N VAL B 119 8.62 23.23 -10.66
CA VAL B 119 8.59 22.26 -11.70
C VAL B 119 9.61 21.16 -11.43
N LEU B 120 9.15 19.92 -11.52
CA LEU B 120 10.00 18.74 -11.36
C LEU B 120 9.72 17.77 -12.44
N HIS B 121 10.77 17.14 -12.96
CA HIS B 121 10.61 16.10 -13.96
C HIS B 121 10.05 14.83 -13.33
N ARG B 122 9.30 14.03 -14.09
CA ARG B 122 8.84 12.75 -13.60
C ARG B 122 9.93 11.91 -12.90
N LEU B 123 11.13 11.90 -13.46
CA LEU B 123 12.25 11.13 -12.89
C LEU B 123 12.70 11.65 -11.55
N GLN B 124 12.50 12.92 -11.31
CA GLN B 124 12.80 13.54 -10.06
C GLN B 124 11.74 13.26 -8.98
N CYS B 125 10.56 12.83 -9.37
CA CYS B 125 9.49 12.51 -8.44
C CYS B 125 9.37 11.02 -8.20
N ALA B 126 10.08 10.21 -8.98
CA ALA B 126 9.91 8.79 -8.94
C ALA B 126 10.22 8.18 -7.57
N ARG B 127 11.27 8.65 -6.95
CA ARG B 127 11.68 8.03 -5.69
C ARG B 127 10.72 8.36 -4.54
N GLY B 128 10.37 9.60 -4.38
CA GLY B 128 9.41 10.00 -3.37
C GLY B 128 8.02 9.46 -3.57
N PHE B 129 7.51 9.61 -4.80
CA PHE B 129 6.10 9.30 -5.09
C PHE B 129 5.83 7.84 -5.45
N GLY B 130 6.84 7.13 -5.92
CA GLY B 130 6.69 5.76 -6.46
C GLY B 130 6.00 5.85 -7.84
N ASP B 131 5.21 4.84 -8.11
CA ASP B 131 4.40 4.70 -9.38
C ASP B 131 3.34 5.73 -9.45
N TRP B 132 2.92 6.24 -8.31
CA TRP B 132 1.80 7.15 -8.22
C TRP B 132 1.91 8.37 -9.15
N ILE B 133 3.11 8.96 -9.16
CA ILE B 133 3.33 10.08 -10.06
C ILE B 133 3.23 9.74 -11.52
N ASP B 134 3.68 8.56 -11.93
CA ASP B 134 3.52 8.18 -13.36
C ASP B 134 2.03 8.02 -13.65
N SER B 135 1.30 7.50 -12.69
CA SER B 135 -0.21 7.38 -12.84
C SER B 135 -0.91 8.72 -12.88
N ILE B 136 -0.44 9.68 -12.12
CA ILE B 136 -1.03 11.03 -12.13
C ILE B 136 -0.76 11.66 -13.47
N LEU B 137 0.44 11.49 -14.04
CA LEU B 137 0.70 12.03 -15.34
C LEU B 137 -0.18 11.38 -16.43
N ALA B 138 -0.47 10.11 -16.33
CA ALA B 138 -1.41 9.46 -17.27
C ALA B 138 -2.80 10.08 -17.14
N PHE B 139 -3.24 10.35 -15.91
CA PHE B 139 -4.55 11.02 -15.74
C PHE B 139 -4.47 12.46 -16.30
N SER B 140 -3.34 13.14 -16.16
CA SER B 140 -3.15 14.44 -16.73
C SER B 140 -3.43 14.40 -18.22
N ARG B 141 -2.96 13.36 -18.91
CA ARG B 141 -3.20 13.27 -20.35
C ARG B 141 -4.66 12.99 -20.59
N SER B 142 -5.23 12.11 -19.77
CA SER B 142 -6.65 11.84 -19.89
C SER B 142 -7.53 13.11 -19.70
N LEU B 143 -7.22 13.89 -18.70
CA LEU B 143 -7.97 15.11 -18.37
C LEU B 143 -7.78 16.13 -19.44
N HIS B 144 -6.53 16.32 -19.89
CA HIS B 144 -6.25 17.29 -20.89
C HIS B 144 -7.04 16.98 -22.24
N SER B 145 -7.23 15.73 -22.58
CA SER B 145 -7.87 15.37 -23.84
C SER B 145 -9.39 15.78 -23.83
N LEU B 146 -9.93 16.03 -22.65
CA LEU B 146 -11.29 16.56 -22.47
C LEU B 146 -11.42 18.07 -22.73
N LEU B 147 -10.29 18.76 -22.75
CA LEU B 147 -10.24 20.18 -22.94
C LEU B 147 -11.21 20.96 -22.03
N VAL B 148 -11.11 20.75 -20.74
CA VAL B 148 -11.92 21.45 -19.78
C VAL B 148 -11.43 22.84 -19.63
N ASP B 149 -12.29 23.84 -19.85
CA ASP B 149 -11.85 25.24 -19.76
C ASP B 149 -11.74 25.69 -18.29
N VAL B 150 -11.10 26.81 -18.05
CA VAL B 150 -10.80 27.24 -16.71
C VAL B 150 -12.03 27.43 -15.86
N PRO B 151 -13.03 28.12 -16.38
CA PRO B 151 -14.24 28.33 -15.55
C PRO B 151 -14.94 27.03 -15.20
N ALA B 152 -15.03 26.10 -16.15
CA ALA B 152 -15.61 24.78 -15.84
C ALA B 152 -14.78 24.05 -14.77
N PHE B 153 -13.47 24.15 -14.86
CA PHE B 153 -12.58 23.53 -13.90
C PHE B 153 -12.74 24.16 -12.53
N ALA B 154 -12.87 25.48 -12.49
CA ALA B 154 -13.03 26.23 -11.27
C ALA B 154 -14.26 25.74 -10.58
N CYS B 155 -15.30 25.48 -11.32
CA CYS B 155 -16.53 24.93 -10.74
C CYS B 155 -16.37 23.45 -10.32
N LEU B 156 -15.78 22.62 -11.17
CA LEU B 156 -15.73 21.20 -10.95
C LEU B 156 -14.87 20.89 -9.74
N SER B 157 -13.74 21.57 -9.61
CA SER B 157 -12.89 21.48 -8.44
C SER B 157 -13.62 21.87 -7.17
N ALA B 158 -14.38 22.94 -7.22
CA ALA B 158 -15.17 23.34 -6.04
C ALA B 158 -16.21 22.30 -5.67
N LEU B 159 -16.79 21.67 -6.65
CA LEU B 159 -17.76 20.58 -6.43
C LEU B 159 -17.13 19.29 -5.87
N VAL B 160 -15.85 19.12 -6.12
CA VAL B 160 -15.11 18.02 -5.49
C VAL B 160 -15.08 18.20 -3.98
N LEU B 161 -14.89 19.42 -3.55
CA LEU B 161 -14.84 19.77 -2.16
C LEU B 161 -16.23 19.88 -1.53
N ILE B 162 -17.17 20.58 -2.19
CA ILE B 162 -18.49 20.87 -1.57
C ILE B 162 -19.42 19.72 -1.96
N THR B 163 -19.52 18.77 -1.06
CA THR B 163 -20.21 17.54 -1.39
C THR B 163 -20.59 16.87 -0.11
N ASP B 164 -21.53 15.89 -0.17
CA ASP B 164 -21.97 15.23 1.01
C ASP B 164 -20.78 14.46 1.62
N ARG B 165 -20.73 14.44 2.95
CA ARG B 165 -19.78 13.58 3.68
C ARG B 165 -20.43 13.10 4.97
N HIS B 166 -20.17 11.85 5.33
CA HIS B 166 -20.65 11.36 6.64
C HIS B 166 -20.05 12.20 7.72
N GLY B 167 -20.86 12.64 8.69
CA GLY B 167 -20.31 13.46 9.82
C GLY B 167 -20.39 14.99 9.66
N LEU B 168 -20.89 15.47 8.53
CA LEU B 168 -21.23 16.88 8.45
C LEU B 168 -22.29 17.28 9.50
N GLN B 169 -22.06 18.42 10.14
CA GLN B 169 -23.03 19.01 11.08
C GLN B 169 -24.20 19.65 10.31
N GLU B 170 -23.91 20.27 9.17
CA GLU B 170 -24.96 20.96 8.39
C GLU B 170 -24.96 20.53 6.92
N PRO B 171 -25.32 19.27 6.69
CA PRO B 171 -25.28 18.75 5.37
C PRO B 171 -26.20 19.46 4.41
N ARG B 172 -27.32 20.00 4.88
CA ARG B 172 -28.18 20.76 3.95
C ARG B 172 -27.53 22.03 3.49
N ARG B 173 -26.75 22.70 4.35
CA ARG B 173 -26.09 23.94 3.88
C ARG B 173 -25.01 23.57 2.84
N VAL B 174 -24.37 22.44 3.00
CA VAL B 174 -23.40 21.99 1.97
C VAL B 174 -24.07 21.64 0.66
N GLU B 175 -25.19 20.90 0.75
CA GLU B 175 -25.99 20.60 -0.40
C GLU B 175 -26.51 21.85 -1.11
N GLU B 176 -26.90 22.88 -0.36
CA GLU B 176 -27.33 24.13 -1.02
C GLU B 176 -26.18 24.78 -1.82
N LEU B 177 -25.00 24.79 -1.24
CA LEU B 177 -23.87 25.37 -1.88
C LEU B 177 -23.51 24.51 -3.12
N GLN B 178 -23.63 23.18 -3.01
CA GLN B 178 -23.40 22.28 -4.12
C GLN B 178 -24.41 22.58 -5.20
N ASN B 179 -25.68 22.79 -4.85
CA ASN B 179 -26.71 23.17 -5.86
C ASN B 179 -26.26 24.43 -6.56
N ARG B 180 -25.85 25.43 -5.79
CA ARG B 180 -25.48 26.74 -6.36
C ARG B 180 -24.33 26.67 -7.35
N ILE B 181 -23.35 25.84 -7.03
CA ILE B 181 -22.20 25.72 -7.90
C ILE B 181 -22.50 24.93 -9.14
N ALA B 182 -23.29 23.89 -9.00
CA ALA B 182 -23.73 23.11 -10.14
C ALA B 182 -24.57 23.98 -11.10
N SER B 183 -25.45 24.81 -10.58
CA SER B 183 -26.17 25.80 -11.48
C SER B 183 -25.24 26.77 -12.19
N CYS B 184 -24.25 27.29 -11.49
CA CYS B 184 -23.25 28.17 -12.06
C CYS B 184 -22.53 27.46 -13.20
N LEU B 185 -22.14 26.21 -12.97
CA LEU B 185 -21.44 25.45 -14.00
C LEU B 185 -22.38 25.23 -15.20
N LYS B 186 -23.62 24.84 -14.94
CA LYS B 186 -24.56 24.58 -16.03
C LYS B 186 -24.68 25.85 -16.92
N GLU B 187 -24.82 27.01 -16.30
CA GLU B 187 -24.98 28.27 -17.01
C GLU B 187 -23.71 28.59 -17.82
N HIS B 188 -22.53 28.33 -17.25
CA HIS B 188 -21.29 28.41 -18.01
C HIS B 188 -21.20 27.50 -19.24
N VAL B 189 -21.49 26.22 -19.10
CA VAL B 189 -21.35 25.35 -20.25
C VAL B 189 -22.40 25.73 -21.34
N ALA B 190 -23.59 26.14 -20.94
CA ALA B 190 -24.55 26.70 -21.95
C ALA B 190 -23.94 27.90 -22.71
N ALA B 191 -23.36 28.82 -21.97
CA ALA B 191 -22.86 30.04 -22.54
C ALA B 191 -21.74 29.79 -23.51
N VAL B 192 -20.93 28.78 -23.26
CA VAL B 192 -19.91 28.40 -24.19
C VAL B 192 -20.54 27.68 -25.38
N ALA B 193 -21.52 26.84 -25.10
CA ALA B 193 -22.19 26.10 -26.17
C ALA B 193 -23.00 27.07 -27.01
N GLY B 194 -23.69 28.01 -26.37
CA GLY B 194 -24.54 28.97 -27.08
C GLY B 194 -25.91 28.40 -27.43
N ALA B 199 -23.87 19.36 -18.80
CA ALA B 199 -24.80 18.18 -19.02
C ALA B 199 -24.34 16.91 -19.84
N SER B 200 -23.44 17.02 -20.84
CA SER B 200 -23.01 15.81 -21.66
C SER B 200 -21.49 15.48 -21.86
N CYS B 201 -20.64 16.47 -22.13
CA CYS B 201 -19.18 16.28 -21.95
C CYS B 201 -19.00 15.92 -20.48
N LEU B 202 -19.99 16.32 -19.68
CA LEU B 202 -20.05 15.99 -18.30
C LEU B 202 -20.04 14.50 -18.16
N SER B 203 -20.91 13.84 -18.91
CA SER B 203 -20.89 12.40 -18.91
C SER B 203 -19.49 11.95 -19.27
N ARG B 204 -18.88 12.59 -20.26
CA ARG B 204 -17.55 12.16 -20.73
C ARG B 204 -16.50 12.36 -19.62
N LEU B 205 -16.59 13.49 -18.94
CA LEU B 205 -15.69 13.74 -17.87
C LEU B 205 -15.91 12.80 -16.69
N LEU B 206 -17.15 12.50 -16.38
CA LEU B 206 -17.45 11.61 -15.29
C LEU B 206 -16.93 10.19 -15.58
N GLY B 207 -16.80 9.89 -16.86
CA GLY B 207 -16.17 8.62 -17.26
C GLY B 207 -14.69 8.49 -16.80
N LYS B 208 -14.07 9.58 -16.42
CA LYS B 208 -12.66 9.56 -16.01
C LYS B 208 -12.58 9.46 -14.50
N LEU B 209 -13.71 9.50 -13.84
CA LEU B 209 -13.71 9.54 -12.37
C LEU B 209 -13.11 8.24 -11.77
N PRO B 210 -13.34 7.09 -12.40
CA PRO B 210 -12.78 5.86 -11.78
C PRO B 210 -11.26 5.92 -11.77
N GLU B 211 -10.65 6.49 -12.80
CA GLU B 211 -9.20 6.64 -12.85
C GLU B 211 -8.77 7.56 -11.68
N LEU B 212 -9.50 8.65 -11.47
CA LEU B 212 -9.21 9.57 -10.37
C LEU B 212 -9.34 8.92 -8.98
N ARG B 213 -10.36 8.12 -8.82
CA ARG B 213 -10.57 7.44 -7.54
C ARG B 213 -9.47 6.48 -7.28
N THR B 214 -9.10 5.72 -8.32
CA THR B 214 -8.00 4.83 -8.18
C THR B 214 -6.76 5.61 -7.73
N LEU B 215 -6.61 6.82 -8.24
CA LEU B 215 -5.46 7.64 -7.86
C LEU B 215 -5.53 8.08 -6.43
N CYS B 216 -6.69 8.36 -5.92
CA CYS B 216 -6.79 8.71 -4.50
C CYS B 216 -6.35 7.57 -3.61
N THR B 217 -6.82 6.37 -3.97
CA THR B 217 -6.39 5.18 -3.31
C THR B 217 -4.89 4.97 -3.36
N GLN B 218 -4.27 5.13 -4.52
CA GLN B 218 -2.88 4.99 -4.67
C GLN B 218 -2.10 5.96 -3.78
N GLY B 219 -2.63 7.17 -3.59
CA GLY B 219 -2.01 8.13 -2.71
C GLY B 219 -2.00 7.63 -1.27
N LEU B 220 -3.12 7.10 -0.82
CA LEU B 220 -3.19 6.53 0.54
C LEU B 220 -2.23 5.32 0.62
N GLN B 221 -2.15 4.52 -0.43
CA GLN B 221 -1.26 3.37 -0.44
C GLN B 221 0.21 3.82 -0.32
N ARG B 222 0.56 4.91 -1.01
CA ARG B 222 1.91 5.44 -0.91
C ARG B 222 2.23 5.95 0.46
N ILE B 223 1.32 6.67 1.05
CA ILE B 223 1.52 7.19 2.39
C ILE B 223 1.58 6.08 3.42
N PHE B 224 0.76 5.04 3.25
CA PHE B 224 0.88 3.83 4.09
C PHE B 224 2.27 3.23 4.03
N TYR B 225 2.79 3.04 2.82
CA TYR B 225 4.10 2.50 2.68
C TYR B 225 5.18 3.36 3.29
N LEU B 226 5.10 4.66 3.06
CA LEU B 226 6.08 5.49 3.62
C LEU B 226 6.00 5.55 5.14
N LYS B 227 4.80 5.42 5.69
CA LYS B 227 4.68 5.40 7.15
C LYS B 227 5.26 4.11 7.72
N LEU B 228 5.06 3.02 7.02
CA LEU B 228 5.68 1.74 7.40
C LEU B 228 7.16 1.85 7.43
N GLU B 229 7.71 2.48 6.41
CA GLU B 229 9.12 2.57 6.28
C GLU B 229 9.66 3.62 7.28
N ASP B 230 8.96 4.73 7.42
CA ASP B 230 9.20 5.77 8.38
C ASP B 230 10.61 6.38 8.34
N LEU B 231 11.14 6.71 7.16
CA LEU B 231 12.40 7.38 7.11
C LEU B 231 12.27 8.71 7.78
N VAL B 232 11.19 9.44 7.49
CA VAL B 232 10.78 10.63 8.26
C VAL B 232 9.29 10.51 8.43
N PRO B 233 8.78 10.99 9.55
CA PRO B 233 7.37 10.85 9.80
C PRO B 233 6.56 11.82 8.95
N PRO B 234 5.29 11.50 8.69
CA PRO B 234 4.49 12.46 7.97
C PRO B 234 4.30 13.65 8.89
N PRO B 235 4.12 14.85 8.32
CA PRO B 235 3.75 15.96 9.17
C PRO B 235 2.33 15.74 9.73
N PRO B 236 2.09 16.25 10.93
CA PRO B 236 0.89 15.88 11.68
C PRO B 236 -0.38 16.16 10.94
N ILE B 237 -0.45 17.24 10.19
CA ILE B 237 -1.69 17.55 9.55
C ILE B 237 -1.98 16.56 8.45
N ILE B 238 -0.94 16.16 7.71
CA ILE B 238 -1.13 15.11 6.67
C ILE B 238 -1.49 13.79 7.31
N ASP B 239 -0.72 13.43 8.35
CA ASP B 239 -1.02 12.19 9.06
C ASP B 239 -2.49 12.15 9.55
N LYS B 240 -3.00 13.28 9.96
CA LYS B 240 -4.40 13.30 10.46
C LYS B 240 -5.38 13.06 9.31
N ILE B 241 -5.04 13.60 8.15
CA ILE B 241 -5.93 13.38 6.98
C ILE B 241 -5.88 11.90 6.64
N PHE B 242 -4.69 11.32 6.63
CA PHE B 242 -4.54 9.92 6.33
C PHE B 242 -5.39 9.09 7.28
N MET B 243 -5.19 9.28 8.56
CA MET B 243 -5.91 8.47 9.54
C MET B 243 -7.44 8.75 9.49
N ASP B 244 -7.85 10.02 9.35
CA ASP B 244 -9.29 10.32 9.38
C ASP B 244 -10.00 9.76 8.19
N THR B 245 -9.29 9.54 7.06
CA THR B 245 -9.99 9.12 5.87
C THR B 245 -9.89 7.62 5.60
N LEU B 246 -9.35 6.87 6.55
CA LEU B 246 -9.34 5.46 6.41
C LEU B 246 -10.66 4.87 6.93
N PRO B 247 -11.52 4.38 6.00
CA PRO B 247 -12.72 3.60 6.39
C PRO B 247 -12.29 2.22 6.87
N PHE B 248 -12.26 2.07 8.18
CA PHE B 248 -11.79 0.92 8.93
C PHE B 248 -10.92 1.52 10.01
C1 GOL C . 6.67 -29.80 5.67
O1 GOL C . 6.99 -30.73 4.63
C2 GOL C . 6.46 -28.41 5.04
O2 GOL C . 5.37 -28.47 4.11
C3 GOL C . 6.20 -27.37 6.12
O3 GOL C . 5.83 -26.10 5.56
C1 GOL D . -18.29 15.75 -6.99
O1 GOL D . -19.59 15.62 -6.35
C2 GOL D . -18.27 15.79 -8.52
O2 GOL D . -18.31 14.46 -8.88
C3 GOL D . -17.01 16.45 -9.10
O3 GOL D . -16.62 16.28 -10.49
C1 GOL E . -4.51 26.05 -9.55
O1 GOL E . -4.30 24.65 -9.39
C2 GOL E . -3.89 26.57 -10.86
O2 GOL E . -2.43 26.42 -10.99
C3 GOL E . -4.21 28.07 -10.95
O3 GOL E . -3.76 28.46 -12.29
#